data_1XNK
#
_entry.id   1XNK
#
_cell.length_a   108.241
_cell.length_b   57.593
_cell.length_c   66.205
_cell.angle_alpha   90.00
_cell.angle_beta   90.00
_cell.angle_gamma   90.00
#
_symmetry.space_group_name_H-M   'P 21 21 2'
#
loop_
_entity.id
_entity.type
_entity.pdbx_description
1 polymer 'endoxylanase 11A'
2 branched '4-thio-beta-D-xylopyranose-(1-4)-4-thio-beta-D-xylopyranose-(1-4)-methyl 4-thio-alpha-D-xylopyranoside'
3 non-polymer 'SULFATE ION'
4 water water
#
_entity_poly.entity_id   1
_entity_poly.type   'polypeptide(L)'
_entity_poly.pdbx_seq_one_letter_code
;(PCA)TLTSSATGTHNGYYYSFWTDGQGNIRFNLESGGQYSVTWSGNGNWVGGKGWNPGTDNRVINYTADYRPNGNSYLA
VYGWTRNPLIEYYVVESFGTYDPSTGATRMGSVTTDGGTYNIYRTQRVNAPSIEGTKTFYQYWSVRTSKRTGGTVTMANH
FNAWRQAGLQLGSHDYQIVATEGYYSSGSATVNVGGSTTG
;
_entity_poly.pdbx_strand_id   A,B
#
loop_
_chem_comp.id
_chem_comp.type
_chem_comp.name
_chem_comp.formula
SO4 non-polymer 'SULFATE ION' 'O4 S -2'
TWY D-saccharide, beta linking 4-thio-beta-D-xylopyranose 'C5 H10 O4 S'
Z4U D-saccharide 'methyl 4-thio-alpha-D-xylopyranoside' 'C6 H12 O4 S'
#
# COMPACT_ATOMS: atom_id res chain seq x y z
N PCA A 1 4.26 -0.90 6.69
CA PCA A 1 4.67 -0.18 5.48
CB PCA A 1 3.40 -0.16 4.60
CG PCA A 1 2.23 -0.33 5.57
CD PCA A 1 2.94 -1.08 6.65
OE PCA A 1 2.35 -1.83 7.44
C PCA A 1 5.22 1.21 5.76
O PCA A 1 4.53 2.22 5.65
N THR A 2 6.50 1.24 6.14
CA THR A 2 7.21 2.47 6.45
C THR A 2 7.99 2.88 5.20
N LEU A 3 7.85 4.14 4.79
CA LEU A 3 8.55 4.63 3.62
C LEU A 3 10.00 4.94 3.96
N THR A 4 10.89 4.76 3.00
CA THR A 4 12.30 5.02 3.23
C THR A 4 12.84 6.14 2.34
N SER A 5 11.97 6.70 1.51
CA SER A 5 12.35 7.77 0.59
C SER A 5 11.08 8.35 -0.03
N SER A 6 11.20 9.38 -0.86
CA SER A 6 10.04 9.95 -1.52
C SER A 6 9.37 8.78 -2.23
N ALA A 7 8.03 8.77 -2.24
CA ALA A 7 7.33 7.66 -2.85
C ALA A 7 5.87 7.97 -3.17
N THR A 8 5.30 7.22 -4.11
CA THR A 8 3.89 7.37 -4.46
C THR A 8 3.35 5.99 -4.77
N GLY A 9 2.02 5.89 -4.81
CA GLY A 9 1.37 4.63 -5.10
C GLY A 9 -0.02 4.68 -4.50
N THR A 10 -0.64 3.52 -4.33
CA THR A 10 -1.95 3.48 -3.69
C THR A 10 -1.87 2.47 -2.56
N HIS A 11 -2.55 2.77 -1.47
CA HIS A 11 -2.53 1.91 -0.29
C HIS A 11 -3.93 1.84 0.29
N ASN A 12 -4.47 0.63 0.36
CA ASN A 12 -5.80 0.40 0.87
C ASN A 12 -6.86 1.25 0.18
N GLY A 13 -6.67 1.41 -1.13
CA GLY A 13 -7.63 2.17 -1.93
C GLY A 13 -7.35 3.66 -2.02
N TYR A 14 -6.35 4.13 -1.27
CA TYR A 14 -6.01 5.55 -1.27
C TYR A 14 -4.66 5.84 -1.89
N TYR A 15 -4.63 6.83 -2.77
CA TYR A 15 -3.38 7.24 -3.37
C TYR A 15 -2.55 7.86 -2.25
N TYR A 16 -1.24 7.71 -2.34
CA TYR A 16 -0.38 8.33 -1.36
C TYR A 16 0.79 8.96 -2.10
N SER A 17 1.22 10.11 -1.59
CA SER A 17 2.37 10.81 -2.13
C SER A 17 3.16 11.30 -0.95
N PHE A 18 4.47 11.07 -0.99
CA PHE A 18 5.35 11.51 0.06
C PHE A 18 6.57 12.08 -0.65
N TRP A 19 6.88 13.33 -0.36
CA TRP A 19 8.05 13.97 -0.95
C TRP A 19 8.89 14.49 0.20
N THR A 20 10.19 14.22 0.13
CA THR A 20 11.11 14.67 1.16
C THR A 20 12.44 15.04 0.52
N ASP A 21 13.11 16.04 1.08
CA ASP A 21 14.39 16.43 0.54
C ASP A 21 15.47 15.59 1.21
N GLY A 22 15.01 14.53 1.89
CA GLY A 22 15.91 13.60 2.56
C GLY A 22 16.61 14.07 3.82
N GLN A 23 16.34 15.31 4.24
CA GLN A 23 17.00 15.85 5.41
C GLN A 23 16.21 15.69 6.70
N GLY A 24 16.93 15.82 7.82
CA GLY A 24 16.30 15.70 9.11
C GLY A 24 15.88 14.26 9.39
N ASN A 25 15.06 14.09 10.41
CA ASN A 25 14.56 12.77 10.79
C ASN A 25 13.09 12.66 10.46
N ILE A 26 12.70 11.55 9.84
CA ILE A 26 11.31 11.37 9.49
C ILE A 26 10.96 9.91 9.23
N ARG A 27 9.78 9.52 9.70
CA ARG A 27 9.27 8.17 9.52
C ARG A 27 7.82 8.36 9.10
N PHE A 28 7.54 8.11 7.82
CA PHE A 28 6.20 8.23 7.27
C PHE A 28 5.67 6.80 7.14
N ASN A 29 4.60 6.52 7.89
CA ASN A 29 4.03 5.19 7.91
C ASN A 29 2.63 5.07 7.32
N LEU A 30 2.47 4.14 6.38
CA LEU A 30 1.17 3.90 5.75
C LEU A 30 0.42 2.97 6.70
N GLU A 31 -0.84 3.28 6.97
CA GLU A 31 -1.62 2.46 7.89
C GLU A 31 -2.97 2.04 7.31
N SER A 32 -3.79 1.39 8.13
CA SER A 32 -5.09 0.88 7.69
C SER A 32 -5.99 1.92 7.03
N GLY A 33 -6.73 1.48 6.01
CA GLY A 33 -7.65 2.36 5.32
C GLY A 33 -7.00 3.62 4.77
N GLY A 34 -7.61 4.77 5.04
CA GLY A 34 -7.06 6.02 4.55
C GLY A 34 -6.19 6.70 5.58
N GLN A 35 -5.60 5.91 6.47
CA GLN A 35 -4.76 6.47 7.51
C GLN A 35 -3.25 6.39 7.28
N TYR A 36 -2.54 7.35 7.86
CA TYR A 36 -1.09 7.36 7.81
C TYR A 36 -0.63 8.10 9.06
N SER A 37 0.58 7.79 9.51
CA SER A 37 1.14 8.43 10.69
C SER A 37 2.55 8.87 10.32
N VAL A 38 2.97 10.00 10.87
CA VAL A 38 4.29 10.50 10.58
C VAL A 38 4.89 11.16 11.82
N THR A 39 6.16 10.88 12.07
CA THR A 39 6.87 11.46 13.20
C THR A 39 8.14 12.06 12.60
N TRP A 40 8.41 13.33 12.93
CA TRP A 40 9.58 13.98 12.36
C TRP A 40 10.25 14.98 13.28
N SER A 41 11.48 15.34 12.91
CA SER A 41 12.28 16.32 13.67
C SER A 41 13.49 16.68 12.83
N GLY A 42 14.29 17.64 13.29
CA GLY A 42 15.47 18.01 12.53
C GLY A 42 15.22 19.04 11.45
N ASN A 43 16.14 19.13 10.49
CA ASN A 43 16.05 20.12 9.42
C ASN A 43 15.53 19.61 8.09
N GLY A 44 14.38 18.94 8.12
CA GLY A 44 13.81 18.41 6.90
C GLY A 44 12.80 19.29 6.18
N ASN A 45 12.54 18.94 4.93
CA ASN A 45 11.59 19.64 4.08
C ASN A 45 10.77 18.52 3.46
N TRP A 46 9.49 18.41 3.84
CA TRP A 46 8.67 17.32 3.30
C TRP A 46 7.17 17.60 3.33
N VAL A 47 6.44 16.82 2.55
CA VAL A 47 4.98 16.91 2.49
C VAL A 47 4.47 15.56 2.01
N GLY A 48 3.45 15.03 2.69
CA GLY A 48 2.92 13.74 2.28
C GLY A 48 1.54 13.47 2.85
N GLY A 49 0.83 12.54 2.23
CA GLY A 49 -0.49 12.22 2.72
C GLY A 49 -1.20 11.21 1.83
N LYS A 50 -2.47 10.96 2.14
CA LYS A 50 -3.29 10.01 1.39
C LYS A 50 -4.48 10.71 0.78
N GLY A 51 -4.93 10.20 -0.35
CA GLY A 51 -6.07 10.80 -1.00
C GLY A 51 -6.44 10.10 -2.30
N TRP A 52 -6.44 10.89 -3.37
CA TRP A 52 -6.82 10.40 -4.67
C TRP A 52 -5.94 10.94 -5.78
N ASN A 53 -5.96 10.22 -6.90
CA ASN A 53 -5.25 10.64 -8.09
C ASN A 53 -5.99 9.97 -9.24
N PRO A 54 -6.64 10.76 -10.10
CA PRO A 54 -6.71 12.23 -10.05
C PRO A 54 -7.70 12.82 -9.06
N GLY A 55 -7.47 14.08 -8.71
CA GLY A 55 -8.39 14.76 -7.81
C GLY A 55 -9.58 15.11 -8.68
N THR A 56 -10.66 15.59 -8.09
CA THR A 56 -11.84 15.97 -8.87
C THR A 56 -12.33 17.33 -8.41
N ASP A 57 -13.14 17.97 -9.26
CA ASP A 57 -13.69 19.28 -8.95
C ASP A 57 -14.72 19.28 -7.85
N ASN A 58 -15.41 18.16 -7.67
CA ASN A 58 -16.47 18.09 -6.68
C ASN A 58 -16.29 17.10 -5.54
N ARG A 59 -15.05 16.72 -5.24
CA ARG A 59 -14.85 15.78 -4.16
C ARG A 59 -15.15 16.44 -2.82
N VAL A 60 -15.78 15.69 -1.94
CA VAL A 60 -16.12 16.16 -0.60
C VAL A 60 -15.30 15.28 0.33
N ILE A 61 -14.26 15.86 0.93
CA ILE A 61 -13.35 15.14 1.80
C ILE A 61 -13.73 15.16 3.28
N ASN A 62 -13.65 14.01 3.92
CA ASN A 62 -13.93 13.88 5.34
C ASN A 62 -12.66 13.32 5.95
N TYR A 63 -12.10 14.01 6.94
CA TYR A 63 -10.87 13.52 7.56
C TYR A 63 -10.87 13.80 9.05
N THR A 64 -9.98 13.14 9.76
CA THR A 64 -9.80 13.33 11.18
C THR A 64 -8.28 13.35 11.36
N ALA A 65 -7.80 14.03 12.39
CA ALA A 65 -6.36 14.07 12.59
C ALA A 65 -5.93 14.43 14.01
N ASP A 66 -4.85 13.79 14.44
CA ASP A 66 -4.23 14.08 15.73
C ASP A 66 -2.96 14.74 15.21
N TYR A 67 -2.97 16.06 15.17
CA TYR A 67 -1.88 16.86 14.63
C TYR A 67 -1.12 17.64 15.71
N ARG A 68 0.17 17.35 15.85
CA ARG A 68 1.01 18.02 16.87
C ARG A 68 2.31 18.56 16.29
N PRO A 69 2.27 19.72 15.65
CA PRO A 69 3.46 20.33 15.05
C PRO A 69 4.25 21.23 15.99
N ASN A 70 5.53 21.40 15.66
CA ASN A 70 6.44 22.27 16.41
C ASN A 70 7.24 23.01 15.35
N GLY A 71 6.85 24.24 15.05
CA GLY A 71 7.55 25.01 14.04
C GLY A 71 6.68 25.19 12.82
N ASN A 72 7.31 25.34 11.66
CA ASN A 72 6.59 25.54 10.41
C ASN A 72 6.07 24.22 9.84
N SER A 73 4.78 23.98 10.03
CA SER A 73 4.13 22.76 9.54
C SER A 73 2.68 23.06 9.15
N TYR A 74 2.15 22.29 8.19
CA TYR A 74 0.77 22.49 7.79
C TYR A 74 0.02 21.17 7.76
N LEU A 75 -1.30 21.26 7.94
CA LEU A 75 -2.23 20.14 7.83
C LEU A 75 -3.16 20.74 6.79
N ALA A 76 -3.24 20.13 5.62
CA ALA A 76 -4.05 20.73 4.57
C ALA A 76 -4.38 19.81 3.42
N VAL A 77 -5.45 20.12 2.70
CA VAL A 77 -5.78 19.35 1.52
C VAL A 77 -4.75 19.93 0.58
N TYR A 78 -4.05 19.06 -0.13
CA TYR A 78 -2.97 19.47 -0.98
C TYR A 78 -3.03 18.75 -2.32
N GLY A 79 -2.82 19.49 -3.40
CA GLY A 79 -2.87 18.86 -4.71
C GLY A 79 -2.28 19.68 -5.83
N TRP A 80 -2.36 19.15 -7.04
CA TRP A 80 -1.82 19.82 -8.22
C TRP A 80 -2.73 19.70 -9.43
N THR A 81 -2.55 20.63 -10.38
CA THR A 81 -3.24 20.55 -11.66
C THR A 81 -2.14 20.81 -12.67
N ARG A 82 -2.44 20.50 -13.93
CA ARG A 82 -1.49 20.70 -15.03
C ARG A 82 -2.22 21.46 -16.13
N ASN A 83 -1.48 22.29 -16.87
CA ASN A 83 -2.05 23.09 -17.95
C ASN A 83 -3.26 23.90 -17.49
N PRO A 84 -3.05 24.89 -16.61
CA PRO A 84 -1.78 25.31 -16.02
C PRO A 84 -1.27 24.46 -14.84
N LEU A 85 0.04 24.47 -14.66
CA LEU A 85 0.68 23.75 -13.56
C LEU A 85 0.42 24.59 -12.31
N ILE A 86 -0.32 24.03 -11.35
CA ILE A 86 -0.66 24.73 -10.12
C ILE A 86 -0.52 23.81 -8.93
N GLU A 87 -0.02 24.35 -7.81
CA GLU A 87 0.10 23.60 -6.57
C GLU A 87 -0.90 24.31 -5.65
N TYR A 88 -1.83 23.57 -5.07
CA TYR A 88 -2.83 24.21 -4.22
C TYR A 88 -2.95 23.64 -2.82
N TYR A 89 -3.43 24.47 -1.90
CA TYR A 89 -3.59 24.09 -0.50
C TYR A 89 -4.87 24.63 0.12
N VAL A 90 -5.49 23.81 0.96
CA VAL A 90 -6.65 24.26 1.75
C VAL A 90 -6.07 23.98 3.13
N VAL A 91 -5.53 25.03 3.72
CA VAL A 91 -4.89 24.93 5.03
C VAL A 91 -5.87 24.89 6.20
N GLU A 92 -5.96 23.73 6.83
CA GLU A 92 -6.85 23.52 7.96
C GLU A 92 -6.20 23.98 9.26
N SER A 93 -4.90 23.73 9.38
CA SER A 93 -4.13 24.14 10.54
C SER A 93 -2.68 24.32 10.15
N PHE A 94 -1.93 25.04 10.96
CA PHE A 94 -0.52 25.25 10.68
C PHE A 94 0.21 25.59 11.97
N GLY A 95 1.54 25.61 11.91
CA GLY A 95 2.32 25.90 13.09
C GLY A 95 2.64 27.37 13.30
N THR A 96 3.93 27.67 13.37
CA THR A 96 4.40 29.04 13.61
C THR A 96 4.36 29.95 12.39
N TYR A 97 4.24 29.37 11.20
CA TYR A 97 4.25 30.17 9.98
C TYR A 97 2.95 30.16 9.17
N ASP A 98 2.33 31.32 9.02
CA ASP A 98 1.12 31.42 8.21
C ASP A 98 1.66 31.47 6.78
N PRO A 99 1.36 30.44 5.97
CA PRO A 99 1.85 30.38 4.58
C PRO A 99 1.43 31.52 3.68
N SER A 100 0.49 32.35 4.12
CA SER A 100 0.03 33.47 3.32
C SER A 100 0.76 34.76 3.67
N THR A 101 1.76 34.67 4.55
CA THR A 101 2.52 35.84 4.94
C THR A 101 3.14 36.51 3.72
N GLY A 102 2.76 37.77 3.49
CA GLY A 102 3.30 38.51 2.36
C GLY A 102 2.69 38.12 1.03
N ALA A 103 1.73 37.20 1.05
CA ALA A 103 1.08 36.74 -0.16
C ALA A 103 -0.02 37.69 -0.62
N THR A 104 -0.33 37.65 -1.91
CA THR A 104 -1.36 38.50 -2.48
C THR A 104 -2.73 37.93 -2.16
N ARG A 105 -3.52 38.67 -1.38
CA ARG A 105 -4.84 38.20 -1.00
C ARG A 105 -5.82 38.37 -2.14
N MET A 106 -6.63 37.33 -2.36
CA MET A 106 -7.62 37.32 -3.44
C MET A 106 -9.04 37.13 -2.94
N GLY A 107 -9.32 37.60 -1.72
CA GLY A 107 -10.65 37.48 -1.17
C GLY A 107 -10.77 36.38 -0.13
N SER A 108 -12.00 35.90 0.07
CA SER A 108 -12.23 34.85 1.05
C SER A 108 -13.42 34.00 0.65
N VAL A 109 -13.55 32.85 1.30
CA VAL A 109 -14.64 31.93 1.02
C VAL A 109 -15.11 31.29 2.32
N THR A 110 -16.42 31.15 2.47
CA THR A 110 -16.98 30.55 3.67
C THR A 110 -17.54 29.19 3.26
N THR A 111 -17.02 28.13 3.89
CA THR A 111 -17.45 26.79 3.56
C THR A 111 -17.17 25.82 4.71
N ASP A 112 -18.03 24.80 4.82
CA ASP A 112 -17.88 23.78 5.85
C ASP A 112 -17.75 24.34 7.26
N GLY A 113 -18.53 25.38 7.55
CA GLY A 113 -18.51 25.99 8.88
C GLY A 113 -17.33 26.89 9.19
N GLY A 114 -16.44 27.09 8.23
CA GLY A 114 -15.29 27.94 8.45
C GLY A 114 -15.14 29.01 7.41
N THR A 115 -14.21 29.94 7.66
CA THR A 115 -13.94 31.02 6.72
C THR A 115 -12.48 30.90 6.34
N TYR A 116 -12.19 31.05 5.06
CA TYR A 116 -10.82 30.94 4.56
C TYR A 116 -10.43 32.13 3.69
N ASN A 117 -9.27 32.72 3.96
CA ASN A 117 -8.80 33.81 3.11
C ASN A 117 -8.06 33.14 1.97
N ILE A 118 -8.21 33.68 0.76
CA ILE A 118 -7.58 33.14 -0.43
C ILE A 118 -6.34 33.92 -0.85
N TYR A 119 -5.30 33.21 -1.28
CA TYR A 119 -4.07 33.89 -1.70
C TYR A 119 -3.40 33.18 -2.87
N ARG A 120 -2.50 33.90 -3.54
CA ARG A 120 -1.74 33.35 -4.64
C ARG A 120 -0.28 33.71 -4.41
N THR A 121 0.61 32.76 -4.63
CA THR A 121 2.05 32.98 -4.50
C THR A 121 2.67 32.34 -5.72
N GLN A 122 3.98 32.53 -5.88
CA GLN A 122 4.67 31.94 -7.03
C GLN A 122 5.99 31.31 -6.60
N ARG A 123 6.29 30.18 -7.21
CA ARG A 123 7.53 29.45 -6.95
C ARG A 123 8.31 29.54 -8.25
N VAL A 124 9.56 29.98 -8.17
CA VAL A 124 10.38 30.13 -9.36
C VAL A 124 11.39 29.01 -9.51
N ASN A 125 11.29 28.29 -10.63
CA ASN A 125 12.18 27.16 -10.93
C ASN A 125 12.41 26.31 -9.68
N ALA A 126 11.31 25.78 -9.16
CA ALA A 126 11.33 24.94 -7.98
C ALA A 126 10.81 23.55 -8.34
N PRO A 127 11.00 22.57 -7.44
CA PRO A 127 10.52 21.21 -7.70
C PRO A 127 9.01 21.20 -7.91
N SER A 128 8.54 20.34 -8.80
CA SER A 128 7.12 20.22 -9.08
C SER A 128 6.86 18.84 -9.70
N ILE A 129 5.59 18.55 -9.97
CA ILE A 129 5.26 17.26 -10.55
C ILE A 129 5.68 17.16 -12.02
N GLU A 130 6.22 18.25 -12.57
CA GLU A 130 6.69 18.26 -13.96
C GLU A 130 8.18 18.55 -14.02
N GLY A 131 8.87 18.46 -12.88
CA GLY A 131 10.29 18.75 -12.85
C GLY A 131 10.52 20.14 -12.33
N THR A 132 11.68 20.73 -12.63
CA THR A 132 11.97 22.08 -12.15
C THR A 132 11.16 23.06 -13.00
N LYS A 133 10.27 23.80 -12.35
CA LYS A 133 9.41 24.74 -13.05
C LYS A 133 9.04 25.96 -12.22
N THR A 134 8.45 26.95 -12.89
CA THR A 134 7.99 28.16 -12.23
C THR A 134 6.47 28.06 -12.30
N PHE A 135 5.83 28.13 -11.15
CA PHE A 135 4.38 27.97 -11.11
C PHE A 135 3.73 28.73 -9.96
N TYR A 136 2.41 28.89 -10.05
CA TYR A 136 1.66 29.56 -9.01
C TYR A 136 1.16 28.57 -7.98
N GLN A 137 0.98 29.05 -6.75
CA GLN A 137 0.46 28.25 -5.67
C GLN A 137 -0.81 28.96 -5.22
N TYR A 138 -1.88 28.22 -5.03
CA TYR A 138 -3.13 28.80 -4.54
C TYR A 138 -3.33 28.35 -3.11
N TRP A 139 -3.83 29.26 -2.27
CA TRP A 139 -4.05 28.96 -0.87
C TRP A 139 -5.41 29.39 -0.37
N SER A 140 -5.98 28.58 0.52
CA SER A 140 -7.23 28.86 1.22
C SER A 140 -6.77 28.59 2.65
N VAL A 141 -6.66 29.64 3.45
CA VAL A 141 -6.20 29.49 4.83
C VAL A 141 -7.32 29.75 5.82
N ARG A 142 -7.66 28.74 6.61
CA ARG A 142 -8.75 28.89 7.58
C ARG A 142 -8.38 29.93 8.62
N THR A 143 -9.32 30.80 8.96
CA THR A 143 -9.07 31.86 9.92
C THR A 143 -8.96 31.33 11.34
N SER A 144 -9.45 30.12 11.54
CA SER A 144 -9.40 29.45 12.83
C SER A 144 -8.91 28.03 12.55
N LYS A 145 -7.85 27.63 13.23
CA LYS A 145 -7.29 26.30 13.00
C LYS A 145 -8.17 25.16 13.51
N ARG A 146 -8.17 24.05 12.78
CA ARG A 146 -8.92 22.86 13.17
C ARG A 146 -8.20 21.64 12.61
N THR A 147 -8.46 20.47 13.20
CA THR A 147 -7.80 19.25 12.75
C THR A 147 -8.77 18.11 12.48
N GLY A 148 -9.80 18.40 11.70
CA GLY A 148 -10.78 17.39 11.38
C GLY A 148 -12.08 17.99 10.90
N GLY A 149 -12.75 17.29 10.00
CA GLY A 149 -14.01 17.78 9.48
C GLY A 149 -14.21 17.46 8.02
N THR A 150 -15.07 18.23 7.36
CA THR A 150 -15.37 18.04 5.96
C THR A 150 -14.86 19.22 5.14
N VAL A 151 -14.28 18.94 3.98
CA VAL A 151 -13.80 19.99 3.09
C VAL A 151 -14.48 19.80 1.74
N THR A 152 -15.32 20.76 1.37
CA THR A 152 -16.05 20.70 0.11
C THR A 152 -15.18 21.42 -0.93
N MET A 153 -14.37 20.64 -1.63
CA MET A 153 -13.44 21.19 -2.61
C MET A 153 -14.03 22.10 -3.66
N ALA A 154 -15.26 21.85 -4.08
CA ALA A 154 -15.90 22.68 -5.10
C ALA A 154 -16.00 24.13 -4.66
N ASN A 155 -16.21 24.36 -3.38
CA ASN A 155 -16.32 25.73 -2.88
C ASN A 155 -14.99 26.47 -2.94
N HIS A 156 -13.90 25.74 -2.71
CA HIS A 156 -12.58 26.36 -2.78
C HIS A 156 -12.19 26.60 -4.24
N PHE A 157 -12.33 25.59 -5.08
CA PHE A 157 -11.97 25.73 -6.49
C PHE A 157 -12.76 26.84 -7.17
N ASN A 158 -14.06 26.91 -6.91
CA ASN A 158 -14.86 27.93 -7.53
C ASN A 158 -14.52 29.33 -7.02
N ALA A 159 -14.19 29.45 -5.75
CA ALA A 159 -13.81 30.74 -5.19
C ALA A 159 -12.53 31.19 -5.89
N TRP A 160 -11.60 30.26 -6.09
CA TRP A 160 -10.34 30.58 -6.73
C TRP A 160 -10.56 30.99 -8.19
N ARG A 161 -11.29 30.17 -8.93
CA ARG A 161 -11.56 30.46 -10.34
C ARG A 161 -12.24 31.81 -10.51
N GLN A 162 -13.23 32.08 -9.68
CA GLN A 162 -13.95 33.35 -9.78
C GLN A 162 -13.04 34.54 -9.50
N ALA A 163 -12.02 34.35 -8.66
CA ALA A 163 -11.08 35.41 -8.33
C ALA A 163 -10.01 35.55 -9.40
N GLY A 164 -10.17 34.81 -10.49
CA GLY A 164 -9.22 34.89 -11.59
C GLY A 164 -8.05 33.92 -11.53
N LEU A 165 -8.14 32.94 -10.63
CA LEU A 165 -7.08 31.94 -10.49
C LEU A 165 -7.49 30.67 -11.23
N GLN A 166 -6.95 30.50 -12.43
CA GLN A 166 -7.27 29.34 -13.26
C GLN A 166 -6.71 28.04 -12.74
N LEU A 167 -7.46 26.96 -12.96
CA LEU A 167 -7.05 25.63 -12.55
C LEU A 167 -6.95 24.77 -13.80
N GLY A 168 -6.00 23.84 -13.81
CA GLY A 168 -5.82 22.97 -14.96
C GLY A 168 -6.44 21.61 -14.75
N SER A 169 -5.88 20.60 -15.42
CA SER A 169 -6.37 19.23 -15.29
C SER A 169 -5.81 18.68 -14.00
N HIS A 170 -6.67 18.03 -13.23
CA HIS A 170 -6.26 17.49 -11.94
C HIS A 170 -5.21 16.39 -11.91
N ASP A 171 -4.24 16.56 -11.02
CA ASP A 171 -3.24 15.53 -10.79
C ASP A 171 -3.66 15.03 -9.40
N TYR A 172 -2.74 14.71 -8.51
CA TYR A 172 -3.20 14.19 -7.23
C TYR A 172 -3.85 15.20 -6.28
N GLN A 173 -4.58 14.66 -5.32
CA GLN A 173 -5.35 15.44 -4.35
C GLN A 173 -5.34 14.63 -3.05
N ILE A 174 -4.60 15.10 -2.06
CA ILE A 174 -4.48 14.37 -0.80
C ILE A 174 -4.67 15.24 0.43
N VAL A 175 -4.85 14.59 1.58
CA VAL A 175 -4.94 15.32 2.84
C VAL A 175 -3.53 15.14 3.36
N ALA A 176 -2.75 16.21 3.29
CA ALA A 176 -1.35 16.14 3.67
C ALA A 176 -0.91 16.84 4.92
N THR A 177 0.27 16.43 5.38
CA THR A 177 0.94 17.03 6.51
C THR A 177 2.25 17.50 5.88
N GLU A 178 2.71 18.69 6.23
CA GLU A 178 3.93 19.23 5.66
C GLU A 178 4.78 19.85 6.75
N GLY A 179 6.09 19.89 6.53
CA GLY A 179 6.97 20.48 7.52
C GLY A 179 8.24 21.00 6.90
N TYR A 180 8.79 22.06 7.49
CA TYR A 180 10.05 22.65 7.02
C TYR A 180 10.83 23.03 8.26
N TYR A 181 11.96 22.35 8.48
CA TYR A 181 12.79 22.60 9.65
C TYR A 181 11.97 22.54 10.94
N SER A 182 10.97 21.66 10.94
CA SER A 182 10.09 21.51 12.10
C SER A 182 10.20 20.12 12.70
N SER A 183 9.37 19.88 13.71
CA SER A 183 9.33 18.58 14.38
C SER A 183 7.90 18.33 14.82
N GLY A 184 7.59 17.09 15.19
CA GLY A 184 6.25 16.78 15.63
C GLY A 184 5.79 15.40 15.21
N SER A 185 4.48 15.18 15.35
CA SER A 185 3.86 13.92 14.99
C SER A 185 2.46 14.18 14.48
N ALA A 186 1.92 13.24 13.73
CA ALA A 186 0.59 13.36 13.20
C ALA A 186 0.06 12.03 12.73
N THR A 187 -1.21 11.80 13.00
CA THR A 187 -1.91 10.60 12.55
C THR A 187 -3.13 11.18 11.86
N VAL A 188 -3.24 10.93 10.57
CA VAL A 188 -4.35 11.45 9.76
C VAL A 188 -5.11 10.30 9.13
N ASN A 189 -6.44 10.38 9.21
CA ASN A 189 -7.28 9.35 8.62
C ASN A 189 -8.23 10.02 7.63
N VAL A 190 -8.08 9.68 6.36
CA VAL A 190 -8.93 10.22 5.31
C VAL A 190 -10.08 9.25 5.09
N GLY A 191 -11.31 9.76 5.23
CA GLY A 191 -12.48 8.91 5.06
C GLY A 191 -12.92 8.28 6.36
N PCA B 1 7.95 1.51 1.07
CA PCA B 1 7.03 0.78 1.94
CB PCA B 1 5.74 0.65 1.11
CG PCA B 1 6.15 0.89 -0.35
CD PCA B 1 7.37 1.72 -0.11
OE PCA B 1 7.80 2.53 -0.93
C PCA B 1 7.60 -0.57 2.40
O PCA B 1 7.31 -1.62 1.83
N THR B 2 8.41 -0.50 3.44
CA THR B 2 9.04 -1.67 4.03
C THR B 2 8.21 -2.11 5.23
N LEU B 3 7.82 -3.39 5.27
CA LEU B 3 7.03 -3.88 6.39
C LEU B 3 7.89 -4.06 7.62
N THR B 4 7.29 -3.88 8.79
CA THR B 4 8.04 -4.03 10.04
C THR B 4 7.49 -5.13 10.93
N SER B 5 6.44 -5.80 10.47
CA SER B 5 5.81 -6.88 11.24
C SER B 5 4.84 -7.59 10.30
N SER B 6 4.16 -8.62 10.80
CA SER B 6 3.17 -9.29 9.98
C SER B 6 2.21 -8.17 9.58
N ALA B 7 1.67 -8.23 8.38
CA ALA B 7 0.77 -7.19 7.91
C ALA B 7 -0.04 -7.60 6.69
N THR B 8 -1.15 -6.90 6.48
CA THR B 8 -2.00 -7.15 5.33
C THR B 8 -2.59 -5.81 4.87
N GLY B 9 -3.10 -5.80 3.65
CA GLY B 9 -3.70 -4.60 3.08
C GLY B 9 -3.63 -4.72 1.58
N THR B 10 -3.80 -3.60 0.88
CA THR B 10 -3.71 -3.62 -0.57
C THR B 10 -2.69 -2.56 -0.96
N HIS B 11 -1.90 -2.85 -1.98
CA HIS B 11 -0.89 -1.93 -2.45
C HIS B 11 -0.88 -1.92 -3.97
N ASN B 12 -1.07 -0.73 -4.53
CA ASN B 12 -1.11 -0.57 -5.98
C ASN B 12 -2.10 -1.51 -6.65
N GLY B 13 -3.23 -1.72 -5.97
CA GLY B 13 -4.27 -2.57 -6.52
C GLY B 13 -4.15 -4.03 -6.18
N TYR B 14 -3.06 -4.41 -5.54
CA TYR B 14 -2.86 -5.81 -5.18
C TYR B 14 -2.88 -6.04 -3.67
N TYR B 15 -3.67 -7.03 -3.26
CA TYR B 15 -3.73 -7.38 -1.85
C TYR B 15 -2.38 -7.96 -1.47
N TYR B 16 -1.95 -7.71 -0.25
CA TYR B 16 -0.70 -8.29 0.22
C TYR B 16 -0.90 -8.87 1.60
N SER B 17 -0.22 -9.97 1.85
CA SER B 17 -0.25 -10.62 3.15
C SER B 17 1.18 -11.02 3.44
N PHE B 18 1.62 -10.70 4.65
CA PHE B 18 2.96 -11.05 5.10
C PHE B 18 2.81 -11.58 6.50
N TRP B 19 3.28 -12.81 6.71
CA TRP B 19 3.23 -13.41 8.03
C TRP B 19 4.63 -13.84 8.41
N THR B 20 5.05 -13.45 9.60
CA THR B 20 6.37 -13.81 10.10
C THR B 20 6.30 -14.16 11.58
N ASP B 21 7.14 -15.10 12.01
CA ASP B 21 7.15 -15.45 13.42
C ASP B 21 8.07 -14.51 14.18
N GLY B 22 8.52 -13.47 13.49
CA GLY B 22 9.38 -12.47 14.10
C GLY B 22 10.84 -12.83 14.29
N GLN B 23 11.20 -14.06 13.96
CA GLN B 23 12.58 -14.50 14.14
C GLN B 23 13.43 -14.31 12.89
N GLY B 24 14.75 -14.36 13.07
CA GLY B 24 15.63 -14.20 11.93
C GLY B 24 15.64 -12.78 11.38
N ASN B 25 16.27 -12.62 10.23
CA ASN B 25 16.38 -11.32 9.58
C ASN B 25 15.52 -11.28 8.33
N ILE B 26 14.72 -10.23 8.19
CA ILE B 26 13.86 -10.14 7.03
C ILE B 26 13.41 -8.72 6.73
N ARG B 27 13.42 -8.38 5.46
CA ARG B 27 12.97 -7.08 4.98
C ARG B 27 12.05 -7.37 3.81
N PHE B 28 10.76 -7.21 4.03
CA PHE B 28 9.75 -7.43 3.01
C PHE B 28 9.34 -6.06 2.49
N ASN B 29 9.60 -5.81 1.20
CA ASN B 29 9.33 -4.52 0.59
C ASN B 29 8.24 -4.54 -0.48
N LEU B 30 7.28 -3.62 -0.35
CA LEU B 30 6.20 -3.50 -1.32
C LEU B 30 6.70 -2.57 -2.42
N GLU B 31 6.56 -2.99 -3.67
CA GLU B 31 7.04 -2.18 -4.77
C GLU B 31 5.95 -1.88 -5.81
N SER B 32 6.36 -1.31 -6.94
CA SER B 32 5.41 -0.93 -8.00
C SER B 32 4.47 -2.02 -8.45
N GLY B 33 3.23 -1.64 -8.72
CA GLY B 33 2.23 -2.59 -9.20
C GLY B 33 2.09 -3.84 -8.36
N GLY B 34 2.18 -5.00 -9.01
CA GLY B 34 2.04 -6.26 -8.28
C GLY B 34 3.37 -6.82 -7.84
N GLN B 35 4.36 -5.95 -7.64
CA GLN B 35 5.67 -6.41 -7.24
C GLN B 35 6.05 -6.23 -5.78
N TYR B 36 6.87 -7.14 -5.29
CA TYR B 36 7.39 -7.08 -3.94
C TYR B 36 8.77 -7.73 -3.96
N SER B 37 9.63 -7.30 -3.05
CA SER B 37 10.97 -7.85 -2.93
C SER B 37 11.19 -8.23 -1.49
N VAL B 38 11.96 -9.27 -1.26
CA VAL B 38 12.23 -9.68 0.10
C VAL B 38 13.64 -10.27 0.20
N THR B 39 14.33 -9.90 1.27
CA THR B 39 15.68 -10.39 1.52
C THR B 39 15.62 -10.94 2.93
N TRP B 40 16.06 -12.18 3.12
CA TRP B 40 16.00 -12.79 4.43
C TRP B 40 17.18 -13.69 4.74
N SER B 41 17.33 -13.99 6.02
CA SER B 41 18.39 -14.87 6.51
C SER B 41 18.08 -15.19 7.97
N GLY B 42 18.87 -16.04 8.59
CA GLY B 42 18.62 -16.36 9.99
C GLY B 42 17.65 -17.50 10.23
N ASN B 43 17.10 -17.56 11.44
CA ASN B 43 16.21 -18.63 11.83
C ASN B 43 14.73 -18.29 11.89
N GLY B 44 14.22 -17.69 10.82
CA GLY B 44 12.81 -17.33 10.82
C GLY B 44 11.89 -18.26 10.05
N ASN B 45 10.59 -18.04 10.23
CA ASN B 45 9.55 -18.79 9.55
C ASN B 45 8.63 -17.69 9.06
N TRP B 46 8.48 -17.57 7.74
CA TRP B 46 7.63 -16.51 7.19
C TRP B 46 7.08 -16.88 5.81
N VAL B 47 6.02 -16.19 5.42
CA VAL B 47 5.40 -16.38 4.12
C VAL B 47 4.67 -15.10 3.75
N GLY B 48 4.84 -14.64 2.52
CA GLY B 48 4.16 -13.42 2.12
C GLY B 48 4.21 -13.17 0.63
N GLY B 49 3.32 -12.29 0.17
CA GLY B 49 3.29 -11.98 -1.25
C GLY B 49 2.14 -11.07 -1.60
N LYS B 50 1.93 -10.89 -2.90
CA LYS B 50 0.87 -10.04 -3.42
C LYS B 50 -0.11 -10.84 -4.23
N GLY B 51 -1.35 -10.37 -4.28
CA GLY B 51 -2.37 -11.07 -5.03
C GLY B 51 -3.72 -10.43 -4.92
N TRP B 52 -4.68 -11.22 -4.46
CA TRP B 52 -6.05 -10.76 -4.35
C TRP B 52 -6.74 -11.24 -3.08
N ASN B 53 -7.81 -10.52 -2.73
CA ASN B 53 -8.65 -10.88 -1.60
C ASN B 53 -10.00 -10.26 -1.90
N PRO B 54 -11.00 -11.09 -2.21
CA PRO B 54 -10.92 -12.56 -2.27
C PRO B 54 -10.31 -13.17 -3.53
N GLY B 55 -9.89 -14.42 -3.39
CA GLY B 55 -9.36 -15.14 -4.54
C GLY B 55 -10.60 -15.63 -5.27
N THR B 56 -10.42 -16.24 -6.43
CA THR B 56 -11.55 -16.78 -7.17
C THR B 56 -11.17 -18.16 -7.68
N ASP B 57 -12.17 -18.94 -8.09
CA ASP B 57 -11.93 -20.28 -8.59
C ASP B 57 -11.45 -20.30 -10.03
N ASN B 58 -11.73 -19.23 -10.76
CA ASN B 58 -11.34 -19.15 -12.17
C ASN B 58 -10.26 -18.12 -12.47
N ARG B 59 -9.55 -17.64 -11.46
CA ARG B 59 -8.52 -16.65 -11.73
C ARG B 59 -7.33 -17.29 -12.44
N VAL B 60 -6.81 -16.57 -13.44
CA VAL B 60 -5.66 -17.02 -14.20
C VAL B 60 -4.52 -16.09 -13.82
N ILE B 61 -3.63 -16.61 -12.98
CA ILE B 61 -2.50 -15.85 -12.47
C ILE B 61 -1.25 -15.87 -13.34
N ASN B 62 -0.72 -14.70 -13.62
CA ASN B 62 0.50 -14.57 -14.41
C ASN B 62 1.52 -13.89 -13.49
N TYR B 63 2.69 -14.50 -13.34
CA TYR B 63 3.71 -13.93 -12.48
C TYR B 63 5.10 -14.18 -13.05
N THR B 64 6.07 -13.44 -12.51
CA THR B 64 7.47 -13.59 -12.89
C THR B 64 8.21 -13.48 -11.56
N ALA B 65 9.38 -14.10 -11.46
CA ALA B 65 10.13 -14.03 -10.23
C ALA B 65 11.61 -14.26 -10.39
N ASP B 66 12.40 -13.46 -9.66
CA ASP B 66 13.84 -13.59 -9.64
C ASP B 66 13.97 -14.16 -8.24
N TYR B 67 13.92 -15.48 -8.17
CA TYR B 67 13.93 -16.22 -6.91
C TYR B 67 15.29 -16.88 -6.64
N ARG B 68 15.94 -16.43 -5.57
CA ARG B 68 17.26 -16.95 -5.20
C ARG B 68 17.29 -17.44 -3.75
N PRO B 69 16.68 -18.60 -3.48
CA PRO B 69 16.62 -19.20 -2.15
C PRO B 69 17.85 -20.02 -1.77
N ASN B 70 17.98 -20.25 -0.46
CA ASN B 70 19.06 -21.04 0.09
C ASN B 70 18.46 -21.81 1.27
N GLY B 71 18.22 -23.10 1.09
CA GLY B 71 17.64 -23.88 2.16
C GLY B 71 16.17 -24.19 1.95
N ASN B 72 15.44 -24.31 3.06
CA ASN B 72 14.01 -24.63 3.02
C ASN B 72 13.18 -23.39 2.68
N SER B 73 12.76 -23.30 1.42
CA SER B 73 11.98 -22.16 0.94
C SER B 73 11.19 -22.56 -0.30
N TYR B 74 10.02 -21.94 -0.47
N TYR B 74 10.03 -21.94 -0.51
CA TYR B 74 9.17 -22.23 -1.62
CA TYR B 74 9.29 -22.24 -1.71
C TYR B 74 8.65 -20.96 -2.29
C TYR B 74 8.56 -21.02 -2.26
N LEU B 75 8.19 -21.12 -3.53
CA LEU B 75 7.55 -20.06 -4.28
C LEU B 75 6.23 -20.72 -4.68
N ALA B 76 5.11 -20.11 -4.32
CA ALA B 76 3.84 -20.75 -4.63
C ALA B 76 2.63 -19.83 -4.54
N VAL B 77 1.55 -20.25 -5.21
CA VAL B 77 0.31 -19.50 -5.11
C VAL B 77 -0.16 -20.05 -3.77
N TYR B 78 -0.60 -19.14 -2.91
CA TYR B 78 -1.01 -19.52 -1.57
C TYR B 78 -2.29 -18.81 -1.20
N GLY B 79 -3.22 -19.52 -0.56
CA GLY B 79 -4.46 -18.86 -0.18
C GLY B 79 -5.29 -19.66 0.79
N TRP B 80 -6.46 -19.11 1.10
CA TRP B 80 -7.38 -19.75 2.03
C TRP B 80 -8.81 -19.64 1.55
N THR B 81 -9.65 -20.55 2.05
CA THR B 81 -11.09 -20.52 1.78
C THR B 81 -11.72 -20.72 3.15
N ARG B 82 -13.01 -20.41 3.27
CA ARG B 82 -13.71 -20.53 4.54
C ARG B 82 -14.99 -21.35 4.38
N ASN B 83 -15.48 -21.91 5.49
CA ASN B 83 -16.71 -22.68 5.50
C ASN B 83 -16.78 -23.73 4.39
N PRO B 84 -15.92 -24.76 4.47
CA PRO B 84 -14.94 -24.97 5.53
C PRO B 84 -13.61 -24.24 5.36
N LEU B 85 -12.88 -24.13 6.47
CA LEU B 85 -11.57 -23.49 6.50
C LEU B 85 -10.57 -24.40 5.80
N ILE B 86 -9.91 -23.86 4.78
CA ILE B 86 -8.92 -24.62 4.01
C ILE B 86 -7.72 -23.74 3.67
N GLU B 87 -6.53 -24.32 3.72
CA GLU B 87 -5.32 -23.60 3.36
C GLU B 87 -4.80 -24.33 2.13
N TYR B 88 -4.42 -23.61 1.09
CA TYR B 88 -3.94 -24.29 -0.12
C TYR B 88 -2.68 -23.68 -0.71
N TYR B 89 -1.98 -24.52 -1.48
CA TYR B 89 -0.73 -24.12 -2.13
C TYR B 89 -0.58 -24.72 -3.51
N VAL B 90 -0.05 -23.94 -4.45
CA VAL B 90 0.29 -24.43 -5.77
C VAL B 90 1.79 -24.12 -5.79
N VAL B 91 2.59 -25.13 -5.43
CA VAL B 91 4.03 -24.96 -5.35
C VAL B 91 4.71 -25.00 -6.71
N GLU B 92 5.33 -23.88 -7.08
CA GLU B 92 6.01 -23.75 -8.37
C GLU B 92 7.48 -24.14 -8.27
N SER B 93 8.07 -23.86 -7.12
CA SER B 93 9.47 -24.21 -6.86
C SER B 93 9.68 -24.32 -5.36
N PHE B 94 10.60 -25.20 -4.96
CA PHE B 94 10.92 -25.36 -3.54
C PHE B 94 12.40 -25.72 -3.41
N GLY B 95 12.90 -25.70 -2.18
CA GLY B 95 14.31 -25.98 -1.95
C GLY B 95 14.65 -27.35 -1.41
N THR B 96 15.37 -27.36 -0.29
CA THR B 96 15.81 -28.60 0.34
C THR B 96 14.72 -29.39 1.04
N TYR B 97 13.47 -28.98 0.89
CA TYR B 97 12.37 -29.69 1.52
C TYR B 97 11.09 -29.62 0.70
N ASP B 98 10.64 -30.77 0.22
CA ASP B 98 9.38 -30.83 -0.53
C ASP B 98 8.30 -30.61 0.51
N PRO B 99 7.55 -29.51 0.41
CA PRO B 99 6.48 -29.22 1.37
C PRO B 99 5.36 -30.24 1.43
N SER B 100 5.31 -31.15 0.46
CA SER B 100 4.26 -32.17 0.44
C SER B 100 4.61 -33.36 1.32
N THR B 101 5.86 -33.40 1.79
CA THR B 101 6.33 -34.47 2.66
C THR B 101 5.35 -34.66 3.82
N GLY B 102 4.95 -35.90 4.06
CA GLY B 102 4.02 -36.18 5.14
C GLY B 102 2.57 -36.13 4.73
N ALA B 103 2.28 -35.50 3.58
CA ALA B 103 0.92 -35.39 3.09
C ALA B 103 0.52 -36.61 2.27
N THR B 104 -0.79 -36.88 2.22
CA THR B 104 -1.32 -38.02 1.47
C THR B 104 -1.56 -37.62 0.01
N ARG B 105 -1.03 -38.39 -0.93
CA ARG B 105 -1.20 -38.09 -2.34
C ARG B 105 -2.63 -38.42 -2.81
N MET B 106 -3.23 -37.48 -3.53
CA MET B 106 -4.61 -37.63 -4.02
C MET B 106 -4.69 -37.60 -5.55
N GLY B 107 -3.59 -37.91 -6.21
CA GLY B 107 -3.58 -37.90 -7.67
C GLY B 107 -2.69 -36.82 -8.24
N SER B 108 -2.99 -36.37 -9.46
CA SER B 108 -2.19 -35.34 -10.10
C SER B 108 -3.03 -34.54 -11.10
N VAL B 109 -2.50 -33.40 -11.51
CA VAL B 109 -3.19 -32.57 -12.47
C VAL B 109 -2.17 -31.99 -13.44
N THR B 110 -2.54 -31.93 -14.72
CA THR B 110 -1.66 -31.40 -15.74
C THR B 110 -2.26 -30.08 -16.20
N THR B 111 -1.51 -29.01 -16.02
CA THR B 111 -1.99 -27.69 -16.39
C THR B 111 -0.83 -26.73 -16.55
N ASP B 112 -0.99 -25.76 -17.45
CA ASP B 112 0.02 -24.74 -17.69
C ASP B 112 1.40 -25.29 -18.05
N GLY B 113 1.41 -26.28 -18.93
CA GLY B 113 2.67 -26.87 -19.38
C GLY B 113 3.41 -27.68 -18.33
N GLY B 114 2.75 -27.93 -17.20
CA GLY B 114 3.40 -28.70 -16.15
C GLY B 114 2.47 -29.73 -15.55
N THR B 115 3.03 -30.61 -14.72
CA THR B 115 2.25 -31.63 -14.05
C THR B 115 2.48 -31.45 -12.56
N TYR B 116 1.41 -31.56 -11.78
CA TYR B 116 1.50 -31.38 -10.33
C TYR B 116 0.88 -32.55 -9.59
N ASN B 117 1.58 -33.05 -8.58
CA ASN B 117 1.03 -34.12 -7.75
C ASN B 117 0.20 -33.40 -6.72
N ILE B 118 -0.96 -33.97 -6.39
CA ILE B 118 -1.89 -33.39 -5.44
C ILE B 118 -1.81 -34.10 -4.08
N TYR B 119 -1.86 -33.32 -3.00
CA TYR B 119 -1.80 -33.89 -1.66
C TYR B 119 -2.76 -33.19 -0.72
N ARG B 120 -3.10 -33.88 0.37
CA ARG B 120 -3.98 -33.32 1.37
C ARG B 120 -3.47 -33.76 2.74
N THR B 121 -3.47 -32.85 3.69
CA THR B 121 -3.02 -33.18 5.04
C THR B 121 -3.80 -32.33 6.03
N GLN B 122 -4.01 -32.87 7.23
CA GLN B 122 -4.75 -32.14 8.24
C GLN B 122 -3.83 -31.42 9.22
N ARG B 123 -4.18 -30.18 9.52
CA ARG B 123 -3.44 -29.35 10.45
C ARG B 123 -4.33 -29.30 11.69
N VAL B 124 -3.80 -29.74 12.83
CA VAL B 124 -4.58 -29.77 14.08
C VAL B 124 -4.24 -28.66 15.06
N ASN B 125 -5.24 -27.86 15.41
CA ASN B 125 -5.05 -26.76 16.35
C ASN B 125 -3.83 -25.93 15.98
N ALA B 126 -3.82 -25.44 14.75
CA ALA B 126 -2.71 -24.64 14.25
C ALA B 126 -3.19 -23.23 13.91
N PRO B 127 -2.27 -22.28 13.81
CA PRO B 127 -2.66 -20.90 13.47
C PRO B 127 -3.31 -20.85 12.10
N SER B 128 -4.30 -19.97 11.95
CA SER B 128 -5.02 -19.82 10.70
C SER B 128 -5.63 -18.43 10.64
N ILE B 129 -6.33 -18.15 9.54
CA ILE B 129 -6.98 -16.86 9.37
C ILE B 129 -8.20 -16.72 10.28
N GLU B 130 -8.53 -17.80 11.00
CA GLU B 130 -9.68 -17.77 11.91
C GLU B 130 -9.26 -18.16 13.33
N GLY B 131 -7.97 -17.98 13.63
CA GLY B 131 -7.46 -18.32 14.95
C GLY B 131 -6.89 -19.72 15.00
N THR B 132 -6.78 -20.29 16.20
CA THR B 132 -6.24 -21.64 16.33
C THR B 132 -7.33 -22.62 15.92
N LYS B 133 -7.10 -23.34 14.83
CA LYS B 133 -8.10 -24.26 14.32
C LYS B 133 -7.53 -25.53 13.70
N THR B 134 -8.42 -26.47 13.42
CA THR B 134 -8.06 -27.73 12.78
C THR B 134 -8.65 -27.64 11.38
N PHE B 135 -7.81 -27.81 10.37
CA PHE B 135 -8.26 -27.70 8.99
C PHE B 135 -7.37 -28.49 8.07
N TYR B 136 -7.84 -28.73 6.85
CA TYR B 136 -7.06 -29.46 5.86
C TYR B 136 -6.30 -28.49 4.97
N GLN B 137 -5.13 -28.95 4.52
CA GLN B 137 -4.28 -28.18 3.62
C GLN B 137 -4.26 -28.94 2.32
N TYR B 138 -4.38 -28.24 1.20
CA TYR B 138 -4.31 -28.92 -0.09
C TYR B 138 -3.06 -28.44 -0.81
N TRP B 139 -2.39 -29.37 -1.48
CA TRP B 139 -1.16 -29.04 -2.19
C TRP B 139 -1.17 -29.52 -3.63
N SER B 140 -0.54 -28.73 -4.48
CA SER B 140 -0.33 -29.07 -5.88
C SER B 140 1.16 -28.78 -5.98
N VAL B 141 1.97 -29.79 -6.26
CA VAL B 141 3.41 -29.58 -6.34
C VAL B 141 3.92 -29.93 -7.73
N ARG B 142 4.49 -28.92 -8.40
CA ARG B 142 5.00 -29.10 -9.75
C ARG B 142 6.17 -30.08 -9.76
N THR B 143 6.16 -31.01 -10.72
CA THR B 143 7.23 -32.00 -10.82
C THR B 143 8.50 -31.39 -11.38
N SER B 144 8.36 -30.24 -12.03
CA SER B 144 9.49 -29.53 -12.60
C SER B 144 9.42 -28.12 -12.03
N LYS B 145 10.46 -27.72 -11.29
CA LYS B 145 10.47 -26.38 -10.70
C LYS B 145 10.57 -25.28 -11.74
N ARG B 146 9.91 -24.15 -11.45
CA ARG B 146 9.95 -22.99 -12.33
C ARG B 146 9.68 -21.75 -11.49
N THR B 147 10.09 -20.60 -12.00
CA THR B 147 9.92 -19.35 -11.27
C THR B 147 9.22 -18.29 -12.11
N GLY B 148 8.17 -18.67 -12.81
CA GLY B 148 7.45 -17.72 -13.64
C GLY B 148 6.56 -18.41 -14.64
N GLY B 149 5.43 -17.79 -14.94
CA GLY B 149 4.52 -18.36 -15.89
C GLY B 149 3.08 -18.10 -15.53
N THR B 150 2.20 -18.94 -16.03
CA THR B 150 0.78 -18.79 -15.77
C THR B 150 0.25 -19.95 -14.93
N VAL B 151 -0.63 -19.64 -13.99
CA VAL B 151 -1.24 -20.65 -13.14
C VAL B 151 -2.76 -20.52 -13.29
N THR B 152 -3.36 -21.53 -13.91
CA THR B 152 -4.80 -21.56 -14.12
C THR B 152 -5.43 -22.23 -12.91
N MET B 153 -5.86 -21.41 -11.94
CA MET B 153 -6.43 -21.93 -10.71
C MET B 153 -7.60 -22.89 -10.85
N ALA B 154 -8.45 -22.66 -11.85
CA ALA B 154 -9.61 -23.53 -12.04
C ALA B 154 -9.19 -25.00 -12.15
N ASN B 155 -8.07 -25.25 -12.82
CA ASN B 155 -7.62 -26.63 -12.97
C ASN B 155 -7.19 -27.23 -11.64
N HIS B 156 -6.61 -26.42 -10.76
CA HIS B 156 -6.17 -26.90 -9.46
C HIS B 156 -7.38 -27.14 -8.55
N PHE B 157 -8.27 -26.16 -8.46
CA PHE B 157 -9.46 -26.30 -7.64
C PHE B 157 -10.32 -27.49 -8.06
N ASN B 158 -10.45 -27.70 -9.36
CA ASN B 158 -11.26 -28.82 -9.84
C ASN B 158 -10.63 -30.14 -9.41
N ALA B 159 -9.30 -30.20 -9.41
CA ALA B 159 -8.62 -31.42 -9.00
C ALA B 159 -8.78 -31.62 -7.50
N TRP B 160 -8.64 -30.55 -6.73
CA TRP B 160 -8.78 -30.63 -5.28
C TRP B 160 -10.19 -30.95 -4.83
N ARG B 161 -11.19 -30.44 -5.54
CA ARG B 161 -12.58 -30.70 -5.18
C ARG B 161 -12.86 -32.19 -5.17
N GLN B 162 -12.37 -32.89 -6.18
CA GLN B 162 -12.57 -34.33 -6.24
C GLN B 162 -11.79 -34.98 -5.09
N ALA B 163 -10.80 -34.25 -4.57
CA ALA B 163 -9.98 -34.74 -3.47
C ALA B 163 -10.59 -34.44 -2.11
N GLY B 164 -11.78 -33.85 -2.10
CA GLY B 164 -12.45 -33.55 -0.84
C GLY B 164 -12.60 -32.08 -0.50
N LEU B 165 -12.02 -31.20 -1.32
CA LEU B 165 -12.13 -29.77 -1.04
C LEU B 165 -13.53 -29.25 -1.34
N GLN B 166 -14.13 -28.61 -0.35
CA GLN B 166 -15.45 -28.02 -0.51
C GLN B 166 -15.25 -26.54 -0.29
N LEU B 167 -15.76 -25.72 -1.20
CA LEU B 167 -15.58 -24.29 -1.08
C LEU B 167 -16.78 -23.47 -0.64
N GLY B 168 -16.65 -22.85 0.52
CA GLY B 168 -17.72 -22.00 1.03
C GLY B 168 -17.49 -20.62 0.44
N SER B 169 -16.36 -20.01 0.80
CA SER B 169 -16.01 -18.70 0.29
C SER B 169 -14.50 -18.54 0.29
N HIS B 170 -13.99 -17.75 -0.64
CA HIS B 170 -12.56 -17.51 -0.74
C HIS B 170 -12.08 -16.40 0.17
N ASP B 171 -10.87 -16.55 0.69
CA ASP B 171 -10.26 -15.49 1.48
C ASP B 171 -9.12 -15.06 0.55
N TYR B 172 -7.93 -14.74 1.07
CA TYR B 172 -6.91 -14.27 0.15
C TYR B 172 -6.28 -15.33 -0.76
N GLN B 173 -5.64 -14.84 -1.81
CA GLN B 173 -5.03 -15.68 -2.84
C GLN B 173 -3.85 -14.87 -3.35
N ILE B 174 -2.64 -15.30 -3.00
CA ILE B 174 -1.46 -14.56 -3.40
C ILE B 174 -0.34 -15.41 -3.98
N VAL B 175 0.62 -14.74 -4.63
CA VAL B 175 1.78 -15.43 -5.17
C VAL B 175 2.80 -15.15 -4.08
N ALA B 176 3.06 -16.17 -3.26
CA ALA B 176 3.93 -16.02 -2.12
C ALA B 176 5.29 -16.67 -2.17
N THR B 177 6.17 -16.14 -1.35
CA THR B 177 7.51 -16.67 -1.15
C THR B 177 7.47 -17.07 0.32
N GLU B 178 8.13 -18.19 0.64
N GLU B 178 8.13 -18.19 0.64
CA GLU B 178 8.13 -18.68 2.01
CA GLU B 178 8.14 -18.67 2.02
C GLU B 178 9.53 -19.16 2.40
C GLU B 178 9.52 -19.18 2.41
N GLY B 179 9.83 -19.09 3.70
CA GLY B 179 11.12 -19.54 4.17
C GLY B 179 11.04 -20.10 5.58
N TYR B 180 11.88 -21.10 5.86
CA TYR B 180 11.94 -21.71 7.19
C TYR B 180 13.40 -21.98 7.49
N TYR B 181 13.96 -21.20 8.42
CA TYR B 181 15.36 -21.33 8.79
C TYR B 181 16.19 -21.36 7.51
N SER B 182 15.88 -20.43 6.61
CA SER B 182 16.56 -20.33 5.32
C SER B 182 17.06 -18.90 5.10
N SER B 183 17.61 -18.66 3.91
CA SER B 183 18.11 -17.34 3.55
C SER B 183 17.95 -17.15 2.05
N GLY B 184 18.14 -15.92 1.58
CA GLY B 184 18.03 -15.65 0.16
C GLY B 184 17.37 -14.32 -0.14
N SER B 185 17.00 -14.15 -1.41
CA SER B 185 16.34 -12.94 -1.86
C SER B 185 15.35 -13.31 -2.94
N ALA B 186 14.37 -12.44 -3.15
CA ALA B 186 13.37 -12.69 -4.17
C ALA B 186 12.65 -11.41 -4.58
N THR B 187 12.40 -11.29 -5.87
CA THR B 187 11.65 -10.16 -6.41
C THR B 187 10.57 -10.85 -7.23
N VAL B 188 9.33 -10.66 -6.84
CA VAL B 188 8.21 -11.29 -7.51
C VAL B 188 7.25 -10.24 -8.04
N ASN B 189 6.79 -10.41 -9.28
CA ASN B 189 5.84 -9.49 -9.89
C ASN B 189 4.60 -10.25 -10.31
N VAL B 190 3.47 -9.87 -9.73
CA VAL B 190 2.19 -10.52 -10.02
C VAL B 190 1.42 -9.70 -11.04
N GLY B 191 1.04 -10.33 -12.14
CA GLY B 191 0.29 -9.65 -13.19
C GLY B 191 1.14 -8.68 -13.99
C1 Z4U C . 8.19 21.73 -0.02
O1 Z4U C . 7.28 22.83 -0.06
C6 Z4U C . 7.71 23.92 0.74
C2 Z4U C . 9.15 21.80 -1.21
O2 Z4U C . 9.75 23.08 -1.26
C3 Z4U C . 8.40 21.52 -2.52
O3 Z4U C . 9.35 21.42 -3.58
C4 Z4U C . 7.58 20.23 -2.45
S4 Z4U C . 6.48 20.11 -3.92
C5 Z4U C . 6.71 20.22 -1.18
O5 Z4U C . 7.51 20.48 -0.01
S4 TWY C . 7.42 14.74 -7.11
C4 TWY C . 6.80 16.39 -6.61
C5 TWY C . 7.98 17.33 -6.35
O5 TWY C . 7.50 18.60 -5.84
C1 TWY C . 6.84 18.45 -4.57
C2 TWY C . 5.59 17.58 -4.73
O2 TWY C . 4.99 17.38 -3.45
C3 TWY C . 5.97 16.23 -5.33
O3 TWY C . 4.79 15.51 -5.63
S4 TWY C . 9.95 14.61 -12.90
C4 TWY C . 9.20 14.17 -11.31
C5 TWY C . 7.95 15.04 -11.06
O5 TWY C . 7.37 14.73 -9.77
C1 TWY C . 8.27 15.02 -8.69
C2 TWY C . 9.53 14.15 -8.81
O2 TWY C . 10.43 14.46 -7.77
C3 TWY C . 10.20 14.40 -10.17
O3 TWY C . 11.29 13.51 -10.32
C1 Z4U D . 3.98 -20.82 7.87
O1 Z4U D . 3.69 -21.83 6.92
C6 Z4U D . 4.57 -22.94 7.03
C2 Z4U D . 3.42 -21.19 9.25
O2 Z4U D . 3.88 -22.48 9.63
C3 Z4U D . 1.89 -21.18 9.23
O3 Z4U D . 1.39 -21.40 10.53
C4 Z4U D . 1.37 -19.83 8.71
S4 Z4U D . -0.45 -19.89 8.54
C5 Z4U D . 2.01 -19.50 7.36
O5 Z4U D . 3.46 -19.55 7.47
S4 TWY D . -2.78 -14.21 10.01
C4 TWY D . -2.62 -15.92 9.42
C5 TWY D . -1.96 -16.78 10.50
O5 TWY D . -1.75 -18.12 10.01
C1 TWY D . -0.85 -18.15 8.89
C2 TWY D . -1.44 -17.37 7.71
O2 TWY D . -0.50 -17.34 6.65
C3 TWY D . -1.78 -15.94 8.14
O3 TWY D . -2.47 -15.28 7.09
S4 TWY D . -7.38 -13.93 14.38
C4 TWY D . -6.09 -13.52 13.16
C5 TWY D . -6.34 -14.30 11.86
O5 TWY D . -5.30 -14.01 10.89
C1 TWY D . -3.99 -14.39 11.36
C2 TWY D . -3.63 -13.62 12.62
O2 TWY D . -2.37 -14.03 13.09
C3 TWY D . -4.69 -13.84 13.70
O3 TWY D . -4.42 -13.03 14.82
S SO4 E . 6.70 5.84 14.48
O1 SO4 E . 7.45 6.58 15.54
O2 SO4 E . 6.86 4.44 14.60
O3 SO4 E . 7.28 6.32 13.15
O4 SO4 E . 5.30 6.27 14.51
S SO4 F . 16.75 -4.85 0.65
O1 SO4 F . 18.09 -5.47 0.83
O2 SO4 F . 16.25 -5.17 -0.70
O3 SO4 F . 16.83 -3.41 0.83
O4 SO4 F . 15.84 -5.44 1.67
S SO4 G . 23.42 -13.75 -5.83
O1 SO4 G . 24.60 -13.64 -4.94
O2 SO4 G . 22.43 -12.73 -5.44
O3 SO4 G . 22.83 -15.09 -5.69
O4 SO4 G . 23.84 -13.53 -7.22
#